data_8FI8
#
_entry.id   8FI8
#
_cell.length_a   25.023
_cell.length_b   43.953
_cell.length_c   120.102
_cell.angle_alpha   90.000
_cell.angle_beta   90.000
_cell.angle_gamma   90.000
#
_symmetry.space_group_name_H-M   'P 21 21 21'
#
loop_
_entity.id
_entity.type
_entity.pdbx_description
1 polymer 'Lettuce DNA aptamer'
2 non-polymer 'POTASSIUM ION'
3 non-polymer 'MAGNESIUM ION'
4 non-polymer 'methyl (2E)-3-{(4Z)-4-[(3,5-difluoro-4-hydroxyphenyl)methylidene]-1-methyl-5-oxo-4,5-dihydro-1H-imidazol-2-yl}prop-2-enoate'
5 water water
#
_entity_poly.entity_id   1
_entity_poly.type   'polydeoxyribonucleotide'
_entity_poly.pdbx_seq_one_letter_code
;(DC)(DT)(DT)(DA)(DG)(DT)(DA)(DG)(DG)(DG)(DA)(DT)(DG)(DA)(DT)(DG)(DC)(DG)(DG)(DT)
(DA)(DG)(DT)(DG)(DG)(DG)(DC)(DT)(DT)(DC)(DG)(DC)(DA)(DG)(DT)(DT)(DC)(DC)(DT)(DG)
(DC)(DG)(DA)(DG)(DG)(DG)(DG)(DA)(DC)(DT)(DA)(DA)(DG)
;
_entity_poly.pdbx_strand_id   A
#
loop_
_chem_comp.id
_chem_comp.type
_chem_comp.name
_chem_comp.formula
DA DNA linking 2'-DEOXYADENOSINE-5'-MONOPHOSPHATE 'C10 H14 N5 O6 P'
DC DNA linking 2'-DEOXYCYTIDINE-5'-MONOPHOSPHATE 'C9 H14 N3 O7 P'
DG DNA linking 2'-DEOXYGUANOSINE-5'-MONOPHOSPHATE 'C10 H14 N5 O7 P'
DT DNA linking THYMIDINE-5'-MONOPHOSPHATE 'C10 H15 N2 O8 P'
K non-polymer 'POTASSIUM ION' 'K 1'
MG non-polymer 'MAGNESIUM ION' 'Mg 2'
X5R non-polymer 'methyl (2E)-3-{(4Z)-4-[(3,5-difluoro-4-hydroxyphenyl)methylidene]-1-methyl-5-oxo-4,5-dihydro-1H-imidazol-2-yl}prop-2-enoate' 'C15 H12 F2 N2 O4'
#
# COMPACT_ATOMS: atom_id res chain seq x y z
K K B . -3.15 -0.51 -5.64
K K C . -3.72 2.55 -3.74
MG MG D . -6.70 13.96 -4.54
MG MG E . 1.05 -24.97 -18.96
MG MG F . 4.84 -9.68 -3.52
C10 X5R G . 2.04 2.21 1.00
C15 X5R G . -0.98 3.54 -1.78
C13 X5R G . 0.34 3.86 -1.97
C12 X5R G . 1.30 3.44 -1.07
C11 X5R G . 0.93 2.67 0.03
C01 X5R G . -2.79 -3.88 3.97
C03 X5R G . -1.43 -2.32 5.08
C05 X5R G . -0.70 -1.40 4.10
C06 X5R G . 0.57 -1.09 4.31
C07 X5R G . 1.36 -0.23 3.34
C09 X5R G . 1.97 1.22 1.87
C17 X5R G . -1.35 2.77 -0.70
C19 X5R G . -0.39 2.33 0.22
C20 X5R G . 3.06 0.45 2.22
C23 X5R G . 3.47 -1.43 3.71
F14 X5R G . 0.68 4.63 -3.05
F18 X5R G . -2.66 2.45 -0.51
N08 X5R G . 0.94 0.79 2.58
N22 X5R G . 2.65 -0.42 3.09
O02 X5R G . -2.74 -2.76 4.81
O04 X5R G . -0.86 -2.69 6.06
O16 X5R G . -1.92 3.99 -2.69
O21 X5R G . 4.17 0.53 1.79
#